data_7QV8
#
_entry.id   7QV8
#
_cell.length_a   61.004
_cell.length_b   61.004
_cell.length_c   119.224
_cell.angle_alpha   90.000
_cell.angle_beta   90.000
_cell.angle_gamma   90.000
#
_symmetry.space_group_name_H-M   'P 41 21 2'
#
loop_
_entity.id
_entity.type
_entity.pdbx_description
1 polymer 'DNA repair protein RAD51 homolog'
2 polymer DNA_repair_protein_BRCA2_-_putative
3 non-polymer 'MAGNESIUM ION'
4 non-polymer "ADENOSINE-5'-DIPHOSPHATE"
5 water water
#
loop_
_entity_poly.entity_id
_entity_poly.type
_entity_poly.pdbx_seq_one_letter_code
_entity_poly.pdbx_strand_id
1 'polypeptide(L)'
;MAEIIMVTTGSREVDKLLGGGIETGSITELFGEFRTGKTQLCHTLCVTCQLPISQGGAEGMALYIDTEGTFRPERLVAVA
ARYGLDPEDVLANVACARAFNTDHQQQLLLQASAMMAENRFALIVVDSATALYRTDYSGRNELAARQMHLGKFLRSLHNL
AEEYGVAVVVTNQVVANGGHIMAHASTTRLSLRKGRGEQRIIKVYDSPCLAEAEAIFGIYDDGVGDARD
;
A
2 'polypeptide(L)' GSLVPTLFSTASGKPVTVRRESLQKVAERLGDLAA D
#
# COMPACT_ATOMS: atom_id res chain seq x y z
N GLU A 3 -5.68 11.02 -15.87
CA GLU A 3 -4.68 9.98 -15.51
C GLU A 3 -4.70 9.77 -13.99
N ILE A 4 -5.22 10.76 -13.24
CA ILE A 4 -5.24 10.65 -11.75
C ILE A 4 -6.64 10.19 -11.32
N ILE A 5 -6.72 9.05 -10.64
CA ILE A 5 -8.04 8.51 -10.18
C ILE A 5 -8.03 8.43 -8.65
N MET A 6 -9.21 8.46 -8.03
CA MET A 6 -9.30 8.43 -6.55
C MET A 6 -9.79 7.05 -6.10
N VAL A 7 -8.96 6.32 -5.36
CA VAL A 7 -9.33 4.95 -4.89
C VAL A 7 -10.12 5.08 -3.59
N THR A 8 -11.38 4.63 -3.59
CA THR A 8 -12.23 4.71 -2.37
C THR A 8 -11.49 4.08 -1.19
N THR A 9 -11.62 4.68 -0.01
CA THR A 9 -10.98 4.10 1.21
C THR A 9 -11.96 3.18 1.92
N GLY A 10 -13.19 3.07 1.41
CA GLY A 10 -14.20 2.23 2.06
C GLY A 10 -15.11 3.05 2.96
N SER A 11 -14.76 4.33 3.16
CA SER A 11 -15.57 5.24 4.02
C SER A 11 -15.93 6.49 3.21
N ARG A 12 -17.23 6.75 3.02
CA ARG A 12 -17.67 7.91 2.21
C ARG A 12 -17.13 9.20 2.84
N GLU A 13 -17.26 9.33 4.16
CA GLU A 13 -16.79 10.56 4.85
C GLU A 13 -15.30 10.77 4.56
N VAL A 14 -14.49 9.74 4.76
CA VAL A 14 -13.02 9.85 4.56
C VAL A 14 -12.76 10.27 3.10
N ASP A 15 -13.41 9.59 2.15
CA ASP A 15 -13.21 9.91 0.71
C ASP A 15 -13.63 11.37 0.47
N LYS A 16 -14.73 11.80 1.09
CA LYS A 16 -15.21 13.20 0.93
C LYS A 16 -14.11 14.15 1.39
N LEU A 17 -13.53 13.88 2.56
CA LEU A 17 -12.41 14.73 3.08
C LEU A 17 -11.22 14.61 2.12
N LEU A 18 -11.00 13.43 1.54
CA LEU A 18 -9.84 13.22 0.65
C LEU A 18 -10.24 13.52 -0.80
N GLY A 19 -11.41 14.12 -1.00
CA GLY A 19 -11.86 14.47 -2.37
C GLY A 19 -11.93 13.24 -3.26
N GLY A 20 -12.58 12.17 -2.79
CA GLY A 20 -12.73 10.94 -3.61
C GLY A 20 -11.96 9.77 -3.01
N GLY A 21 -10.82 10.05 -2.38
CA GLY A 21 -10.05 8.98 -1.72
C GLY A 21 -8.55 9.14 -1.94
N ILE A 22 -7.85 8.02 -2.16
CA ILE A 22 -6.36 8.07 -2.37
C ILE A 22 -6.10 8.38 -3.84
N GLU A 23 -5.34 9.44 -4.11
CA GLU A 23 -5.05 9.86 -5.52
C GLU A 23 -3.96 8.96 -6.09
N THR A 24 -3.99 8.73 -7.41
CA THR A 24 -2.95 7.90 -8.08
C THR A 24 -1.86 8.81 -8.64
N GLY A 25 -0.69 8.25 -8.96
CA GLY A 25 0.40 9.05 -9.54
C GLY A 25 1.14 9.86 -8.50
N SER A 26 0.77 9.70 -7.22
CA SER A 26 1.41 10.48 -6.13
C SER A 26 1.62 9.59 -4.90
N ILE A 27 2.41 10.05 -3.94
CA ILE A 27 2.67 9.27 -2.70
C ILE A 27 1.81 9.83 -1.56
N THR A 28 0.97 8.99 -0.96
CA THR A 28 0.13 9.42 0.19
C THR A 28 0.72 8.81 1.47
N GLU A 29 1.22 9.65 2.38
CA GLU A 29 1.87 9.11 3.61
C GLU A 29 0.84 9.07 4.75
N LEU A 30 0.64 7.90 5.34
CA LEU A 30 -0.28 7.77 6.50
C LEU A 30 0.54 7.83 7.78
N PHE A 31 0.29 8.85 8.61
CA PHE A 31 1.02 8.98 9.89
C PHE A 31 0.05 8.66 11.03
N GLY A 32 0.48 7.79 11.94
CA GLY A 32 -0.40 7.39 13.07
C GLY A 32 0.32 6.46 14.04
N GLU A 33 -0.13 6.45 15.30
CA GLU A 33 0.50 5.58 16.32
C GLU A 33 0.04 4.13 16.08
N PHE A 34 0.32 3.24 17.02
CA PHE A 34 -0.04 1.81 16.83
C PHE A 34 -1.56 1.63 16.96
N ARG A 35 -2.12 0.71 16.19
CA ARG A 35 -3.58 0.43 16.27
C ARG A 35 -4.39 1.65 15.83
N THR A 36 -3.83 2.46 14.92
CA THR A 36 -4.59 3.62 14.39
C THR A 36 -5.35 3.19 13.13
N GLY A 37 -5.06 2.00 12.60
CA GLY A 37 -5.78 1.48 11.42
C GLY A 37 -4.98 1.66 10.14
N LYS A 38 -3.69 1.98 10.25
CA LYS A 38 -2.84 2.22 9.06
C LYS A 38 -2.79 0.95 8.20
N THR A 39 -2.44 -0.19 8.81
CA THR A 39 -2.38 -1.48 8.07
C THR A 39 -3.78 -1.85 7.58
N GLN A 40 -4.77 -1.79 8.48
CA GLN A 40 -6.16 -2.14 8.10
C GLN A 40 -6.60 -1.29 6.91
N LEU A 41 -6.23 0.00 6.92
CA LEU A 41 -6.56 0.87 5.76
C LEU A 41 -5.88 0.32 4.52
N CYS A 42 -4.59 -0.03 4.63
CA CYS A 42 -3.86 -0.54 3.44
C CYS A 42 -4.56 -1.79 2.90
N HIS A 43 -4.94 -2.71 3.80
CA HIS A 43 -5.61 -3.97 3.39
C HIS A 43 -6.88 -3.64 2.60
N THR A 44 -7.71 -2.73 3.13
CA THR A 44 -8.96 -2.33 2.45
C THR A 44 -8.63 -1.76 1.06
N LEU A 45 -7.62 -0.89 0.99
CA LEU A 45 -7.26 -0.25 -0.31
C LEU A 45 -6.79 -1.30 -1.31
N CYS A 46 -6.11 -2.35 -0.85
CA CYS A 46 -5.57 -3.39 -1.76
C CYS A 46 -6.72 -4.06 -2.51
N VAL A 47 -7.94 -4.01 -1.96
CA VAL A 47 -9.12 -4.59 -2.64
C VAL A 47 -9.85 -3.48 -3.41
N THR A 48 -9.97 -2.29 -2.81
CA THR A 48 -10.72 -1.18 -3.46
C THR A 48 -10.04 -0.78 -4.78
N CYS A 49 -8.71 -0.91 -4.85
CA CYS A 49 -7.96 -0.56 -6.08
C CYS A 49 -8.44 -1.45 -7.23
N GLN A 50 -8.98 -2.62 -6.90
CA GLN A 50 -9.43 -3.57 -7.95
C GLN A 50 -10.88 -3.27 -8.35
N LEU A 51 -11.57 -2.44 -7.55
CA LEU A 51 -13.00 -2.13 -7.83
C LEU A 51 -13.13 -1.35 -9.13
N PRO A 52 -14.30 -1.37 -9.81
CA PRO A 52 -14.51 -0.59 -11.03
C PRO A 52 -14.46 0.91 -10.72
N ILE A 53 -14.00 1.72 -11.68
CA ILE A 53 -13.90 3.19 -11.47
C ILE A 53 -15.24 3.71 -10.94
N SER A 54 -16.34 3.33 -11.58
CA SER A 54 -17.69 3.75 -11.12
C SER A 54 -17.82 3.52 -9.62
N GLN A 55 -17.25 2.43 -9.10
CA GLN A 55 -17.37 2.10 -7.66
C GLN A 55 -16.23 2.78 -6.88
N GLY A 56 -15.45 3.62 -7.55
CA GLY A 56 -14.37 4.37 -6.87
C GLY A 56 -13.07 3.59 -6.85
N GLY A 57 -12.92 2.60 -7.74
CA GLY A 57 -11.69 1.80 -7.80
C GLY A 57 -10.82 2.22 -8.97
N ALA A 58 -9.59 1.72 -9.02
CA ALA A 58 -8.69 2.03 -10.17
C ALA A 58 -8.68 0.84 -11.13
N GLU A 59 -9.48 -0.19 -10.83
CA GLU A 59 -9.56 -1.38 -11.71
C GLU A 59 -8.16 -1.92 -11.97
N GLY A 60 -7.32 -1.95 -10.94
CA GLY A 60 -5.93 -2.42 -11.09
C GLY A 60 -5.52 -3.33 -9.95
N MET A 61 -4.34 -3.95 -10.07
CA MET A 61 -3.85 -4.87 -9.01
C MET A 61 -3.17 -4.08 -7.90
N ALA A 62 -2.71 -4.77 -6.86
CA ALA A 62 -2.09 -4.08 -5.71
C ALA A 62 -0.73 -4.71 -5.39
N LEU A 63 0.27 -3.88 -5.10
CA LEU A 63 1.62 -4.39 -4.71
C LEU A 63 1.85 -4.06 -3.23
N TYR A 64 1.87 -5.09 -2.38
CA TYR A 64 2.00 -4.86 -0.91
C TYR A 64 3.43 -5.17 -0.45
N ILE A 65 4.17 -4.15 -0.04
CA ILE A 65 5.52 -4.37 0.52
C ILE A 65 5.38 -4.43 2.04
N ASP A 66 5.47 -5.62 2.62
CA ASP A 66 5.27 -5.78 4.09
C ASP A 66 6.63 -5.78 4.80
N THR A 67 6.88 -4.77 5.64
CA THR A 67 8.15 -4.70 6.41
C THR A 67 7.84 -4.95 7.89
N GLU A 68 6.55 -4.98 8.25
CA GLU A 68 6.15 -5.22 9.66
C GLU A 68 5.70 -6.67 9.83
N GLY A 69 5.57 -7.42 8.73
CA GLY A 69 5.08 -8.81 8.79
C GLY A 69 3.65 -8.87 9.30
N THR A 70 2.82 -7.91 8.91
CA THR A 70 1.41 -7.86 9.41
C THR A 70 0.43 -8.02 8.25
N PHE A 71 0.92 -8.42 7.07
CA PHE A 71 0.01 -8.65 5.91
C PHE A 71 -0.73 -9.98 6.10
N ARG A 72 -2.06 -9.93 6.15
CA ARG A 72 -2.87 -11.16 6.34
C ARG A 72 -3.86 -11.28 5.18
N PRO A 73 -3.64 -12.20 4.21
CA PRO A 73 -4.50 -12.31 3.03
C PRO A 73 -5.97 -12.53 3.38
N GLU A 74 -6.23 -13.11 4.56
CA GLU A 74 -7.63 -13.43 4.96
C GLU A 74 -8.46 -12.13 5.05
N ARG A 75 -7.85 -11.05 5.55
CA ARG A 75 -8.55 -9.75 5.67
C ARG A 75 -9.03 -9.32 4.28
N LEU A 76 -8.19 -9.49 3.26
CA LEU A 76 -8.56 -9.10 1.88
C LEU A 76 -9.82 -9.86 1.48
N VAL A 77 -9.92 -11.12 1.86
CA VAL A 77 -11.10 -11.93 1.55
C VAL A 77 -12.38 -11.34 2.13
N ALA A 78 -12.32 -10.91 3.38
CA ALA A 78 -13.49 -10.34 4.04
C ALA A 78 -13.93 -9.07 3.32
N VAL A 79 -12.96 -8.24 2.93
CA VAL A 79 -13.24 -7.01 2.22
C VAL A 79 -13.89 -7.28 0.88
N ALA A 80 -13.41 -8.33 0.20
CA ALA A 80 -13.93 -8.71 -1.10
C ALA A 80 -15.41 -9.07 -0.99
N ALA A 81 -15.78 -9.71 0.11
CA ALA A 81 -17.16 -10.13 0.33
C ALA A 81 -18.09 -8.93 0.39
N ARG A 82 -17.63 -7.87 1.05
CA ARG A 82 -18.41 -6.64 1.16
C ARG A 82 -18.68 -6.01 -0.20
N TYR A 83 -17.67 -6.05 -1.06
CA TYR A 83 -17.76 -5.47 -2.39
C TYR A 83 -18.25 -6.44 -3.46
N GLY A 84 -18.64 -7.64 -3.05
CA GLY A 84 -19.12 -8.65 -3.98
C GLY A 84 -18.13 -9.03 -5.05
N LEU A 85 -16.88 -9.21 -4.65
CA LEU A 85 -15.81 -9.60 -5.56
C LEU A 85 -15.28 -10.98 -5.19
N ASP A 86 -15.06 -11.82 -6.18
CA ASP A 86 -14.52 -13.16 -5.96
C ASP A 86 -13.22 -13.05 -5.17
N PRO A 87 -13.19 -13.66 -3.97
CA PRO A 87 -12.03 -13.57 -3.09
C PRO A 87 -10.79 -14.17 -3.79
N GLU A 88 -10.98 -15.27 -4.51
CA GLU A 88 -9.85 -15.92 -5.22
C GLU A 88 -9.18 -14.89 -6.13
N ASP A 89 -9.98 -14.17 -6.92
CA ASP A 89 -9.44 -13.17 -7.87
C ASP A 89 -8.71 -12.06 -7.09
N VAL A 90 -9.33 -11.55 -6.03
CA VAL A 90 -8.72 -10.42 -5.28
C VAL A 90 -7.38 -10.89 -4.70
N LEU A 91 -7.33 -12.13 -4.21
CA LEU A 91 -6.07 -12.68 -3.64
C LEU A 91 -5.03 -12.81 -4.75
N ALA A 92 -5.48 -13.18 -5.95
CA ALA A 92 -4.54 -13.34 -7.08
C ALA A 92 -4.17 -11.96 -7.64
N ASN A 93 -4.95 -10.93 -7.33
CA ASN A 93 -4.70 -9.58 -7.88
C ASN A 93 -3.87 -8.75 -6.90
N VAL A 94 -3.44 -9.36 -5.80
CA VAL A 94 -2.60 -8.64 -4.79
C VAL A 94 -1.25 -9.36 -4.66
N ALA A 95 -0.16 -8.69 -5.05
CA ALA A 95 1.19 -9.28 -4.89
C ALA A 95 1.83 -8.71 -3.64
N CYS A 96 2.49 -9.57 -2.84
CA CYS A 96 3.07 -9.09 -1.55
C CYS A 96 4.49 -9.61 -1.39
N ALA A 97 5.40 -8.78 -0.87
CA ALA A 97 6.78 -9.22 -0.60
C ALA A 97 7.12 -8.87 0.86
N ARG A 98 7.36 -9.88 1.69
CA ARG A 98 7.64 -9.65 3.12
C ARG A 98 9.15 -9.50 3.31
N ALA A 99 9.66 -8.25 3.32
CA ALA A 99 11.12 -8.01 3.42
C ALA A 99 11.43 -7.26 4.72
N PHE A 100 12.22 -7.87 5.60
CA PHE A 100 12.62 -7.19 6.86
C PHE A 100 14.08 -6.76 6.75
N ASN A 101 14.88 -7.51 5.98
CA ASN A 101 16.31 -7.16 5.80
C ASN A 101 16.43 -6.05 4.74
N THR A 102 17.42 -5.17 4.91
CA THR A 102 17.63 -4.06 3.94
C THR A 102 17.99 -4.63 2.57
N ASP A 103 18.76 -5.72 2.54
CA ASP A 103 19.21 -6.32 1.25
C ASP A 103 17.98 -6.53 0.34
N HIS A 104 16.96 -7.23 0.84
CA HIS A 104 15.76 -7.51 0.03
C HIS A 104 14.99 -6.20 -0.22
N GLN A 105 14.81 -5.40 0.84
CA GLN A 105 14.08 -4.11 0.73
C GLN A 105 14.69 -3.26 -0.38
N GLN A 106 16.01 -3.37 -0.59
CA GLN A 106 16.68 -2.50 -1.59
C GLN A 106 16.34 -2.95 -3.01
N GLN A 107 15.91 -4.21 -3.18
CA GLN A 107 15.65 -4.75 -4.55
C GLN A 107 14.16 -4.62 -4.88
N LEU A 108 13.30 -4.46 -3.87
CA LEU A 108 11.84 -4.41 -4.11
C LEU A 108 11.49 -3.37 -5.17
N LEU A 109 12.02 -2.15 -5.06
CA LEU A 109 11.65 -1.06 -6.00
C LEU A 109 11.87 -1.53 -7.44
N LEU A 110 13.05 -2.11 -7.72
CA LEU A 110 13.38 -2.55 -9.10
C LEU A 110 12.35 -3.58 -9.54
N GLN A 111 12.07 -4.57 -8.70
CA GLN A 111 11.09 -5.64 -9.04
C GLN A 111 9.72 -5.00 -9.28
N ALA A 112 9.31 -4.08 -8.40
CA ALA A 112 7.99 -3.43 -8.54
C ALA A 112 7.86 -2.81 -9.94
N SER A 113 8.90 -2.09 -10.39
CA SER A 113 8.84 -1.41 -11.70
C SER A 113 8.60 -2.44 -12.82
N ALA A 114 9.35 -3.55 -12.78
CA ALA A 114 9.22 -4.59 -13.83
C ALA A 114 7.80 -5.17 -13.80
N MET A 115 7.30 -5.47 -12.61
CA MET A 115 5.94 -6.05 -12.46
C MET A 115 4.91 -5.04 -13.00
N MET A 116 5.08 -3.76 -12.67
CA MET A 116 4.13 -2.71 -13.12
C MET A 116 4.26 -2.50 -14.62
N ALA A 117 5.46 -2.71 -15.17
CA ALA A 117 5.65 -2.60 -16.63
C ALA A 117 4.99 -3.79 -17.33
N GLU A 118 5.05 -4.98 -16.71
CA GLU A 118 4.50 -6.20 -17.34
C GLU A 118 2.97 -6.27 -17.15
N ASN A 119 2.49 -5.92 -15.95
CA ASN A 119 1.04 -6.03 -15.66
C ASN A 119 0.50 -4.70 -15.11
N ARG A 120 -0.82 -4.53 -15.11
CA ARG A 120 -1.42 -3.25 -14.67
C ARG A 120 -1.66 -3.23 -13.16
N PHE A 121 -0.88 -2.44 -12.43
CA PHE A 121 -1.10 -2.30 -10.96
C PHE A 121 -1.72 -0.92 -10.72
N ALA A 122 -2.45 -0.77 -9.61
CA ALA A 122 -3.14 0.52 -9.33
C ALA A 122 -2.69 1.09 -7.99
N LEU A 123 -2.06 0.26 -7.14
CA LEU A 123 -1.69 0.74 -5.78
C LEU A 123 -0.41 0.04 -5.29
N ILE A 124 0.51 0.80 -4.69
CA ILE A 124 1.73 0.21 -4.08
C ILE A 124 1.71 0.55 -2.59
N VAL A 125 1.59 -0.47 -1.72
CA VAL A 125 1.51 -0.22 -0.26
C VAL A 125 2.87 -0.48 0.37
N VAL A 126 3.34 0.43 1.24
CA VAL A 126 4.62 0.19 1.97
C VAL A 126 4.36 0.28 3.47
N ASP A 127 4.01 -0.84 4.11
CA ASP A 127 3.80 -0.85 5.59
C ASP A 127 4.92 -1.68 6.24
N SER A 128 5.85 -1.02 6.94
CA SER A 128 5.84 0.46 7.07
C SER A 128 7.21 1.03 6.72
N ALA A 129 7.29 2.33 6.45
CA ALA A 129 8.62 2.95 6.20
C ALA A 129 9.45 2.88 7.48
N THR A 130 8.80 2.86 8.64
CA THR A 130 9.51 2.83 9.94
C THR A 130 10.35 1.56 10.04
N ALA A 131 9.83 0.43 9.55
CA ALA A 131 10.55 -0.86 9.65
C ALA A 131 11.47 -1.04 8.44
N LEU A 132 11.66 0.02 7.65
CA LEU A 132 12.49 -0.08 6.42
C LEU A 132 13.91 0.44 6.70
N TYR A 133 14.93 -0.21 6.12
CA TYR A 133 16.33 0.27 6.26
C TYR A 133 16.74 0.35 7.73
N ARG A 134 16.27 -0.61 8.55
CA ARG A 134 16.67 -0.64 9.98
C ARG A 134 18.11 -1.12 10.10
N THR A 135 18.50 -2.11 9.29
CA THR A 135 19.88 -2.60 9.32
C THR A 135 20.61 -2.15 8.08
N ASP A 136 21.94 -2.26 8.11
CA ASP A 136 22.73 -1.89 6.95
C ASP A 136 22.74 -3.02 5.92
N TYR A 137 23.34 -2.76 4.76
CA TYR A 137 23.30 -3.71 3.66
C TYR A 137 23.79 -5.10 4.01
N SER A 138 24.83 -5.20 4.82
CA SER A 138 25.32 -6.49 5.27
C SER A 138 24.26 -7.20 6.10
N GLY A 139 23.58 -6.45 6.95
CA GLY A 139 22.56 -6.97 7.85
C GLY A 139 23.11 -7.17 9.24
N ARG A 140 24.43 -7.15 9.34
CA ARG A 140 25.11 -7.27 10.62
C ARG A 140 24.96 -6.08 11.57
N ASN A 141 24.95 -4.86 11.03
CA ASN A 141 24.88 -3.66 11.86
C ASN A 141 23.74 -2.68 11.57
N GLU A 142 23.71 -1.61 12.35
CA GLU A 142 22.72 -0.55 12.20
C GLU A 142 23.07 0.23 10.95
N LEU A 143 22.06 0.76 10.28
CA LEU A 143 22.30 1.50 9.07
C LEU A 143 22.54 2.97 9.38
N ALA A 144 23.63 3.49 8.87
CA ALA A 144 23.97 4.90 9.08
C ALA A 144 23.12 5.83 8.24
N ALA A 145 22.66 6.92 8.85
CA ALA A 145 21.86 7.94 8.18
C ALA A 145 20.61 7.38 7.51
N ARG A 146 19.89 6.51 8.22
CA ARG A 146 18.70 5.83 7.63
C ARG A 146 17.80 6.85 6.92
N GLN A 147 17.53 8.00 7.53
CA GLN A 147 16.58 8.95 6.91
C GLN A 147 17.03 9.32 5.49
N MET A 148 18.34 9.47 5.28
CA MET A 148 18.85 9.80 3.92
C MET A 148 18.52 8.66 2.95
N HIS A 149 18.76 7.41 3.36
CA HIS A 149 18.44 6.24 2.49
C HIS A 149 16.94 6.17 2.24
N LEU A 150 16.14 6.33 3.30
CA LEU A 150 14.66 6.26 3.16
C LEU A 150 14.19 7.34 2.18
N GLY A 151 14.79 8.53 2.28
CA GLY A 151 14.40 9.64 1.39
C GLY A 151 14.55 9.27 -0.07
N LYS A 152 15.68 8.64 -0.42
CA LYS A 152 15.94 8.21 -1.81
C LYS A 152 14.90 7.16 -2.21
N PHE A 153 14.57 6.24 -1.29
CA PHE A 153 13.56 5.20 -1.57
C PHE A 153 12.25 5.88 -1.97
N LEU A 154 11.81 6.85 -1.17
CA LEU A 154 10.52 7.56 -1.45
C LEU A 154 10.62 8.29 -2.80
N ARG A 155 11.78 8.88 -3.09
CA ARG A 155 11.96 9.63 -4.36
C ARG A 155 11.73 8.69 -5.53
N SER A 156 12.37 7.52 -5.51
CA SER A 156 12.19 6.51 -6.60
C SER A 156 10.73 6.05 -6.61
N LEU A 157 10.14 5.86 -5.43
CA LEU A 157 8.73 5.40 -5.34
C LEU A 157 7.83 6.46 -5.99
N HIS A 158 8.13 7.75 -5.76
CA HIS A 158 7.34 8.83 -6.38
C HIS A 158 7.50 8.77 -7.90
N ASN A 159 8.71 8.45 -8.37
CA ASN A 159 8.95 8.32 -9.84
C ASN A 159 8.05 7.21 -10.38
N LEU A 160 8.03 6.05 -9.72
CA LEU A 160 7.12 4.94 -10.14
C LEU A 160 5.68 5.45 -10.12
N ALA A 161 5.30 6.16 -9.06
CA ALA A 161 3.94 6.71 -8.95
C ALA A 161 3.64 7.54 -10.20
N GLU A 162 4.51 8.51 -10.52
CA GLU A 162 4.25 9.36 -11.67
C GLU A 162 4.28 8.59 -12.97
N GLU A 163 5.28 7.70 -13.11
CA GLU A 163 5.45 6.93 -14.37
C GLU A 163 4.26 5.99 -14.60
N TYR A 164 4.02 5.05 -13.68
CA TYR A 164 2.95 4.02 -13.89
C TYR A 164 1.59 4.55 -13.43
N GLY A 165 1.54 5.83 -13.01
CA GLY A 165 0.27 6.42 -12.58
C GLY A 165 -0.41 5.56 -11.52
N VAL A 166 0.35 5.05 -10.56
CA VAL A 166 -0.21 4.16 -9.51
C VAL A 166 -0.26 4.92 -8.19
N ALA A 167 -1.27 4.65 -7.35
CA ALA A 167 -1.35 5.29 -6.02
C ALA A 167 -0.33 4.61 -5.10
N VAL A 168 0.39 5.40 -4.30
CA VAL A 168 1.39 4.83 -3.35
C VAL A 168 1.02 5.25 -1.93
N VAL A 169 0.69 4.29 -1.07
CA VAL A 169 0.35 4.60 0.35
C VAL A 169 1.49 4.09 1.24
N VAL A 170 2.21 5.00 1.89
CA VAL A 170 3.35 4.60 2.78
C VAL A 170 2.96 4.91 4.22
N THR A 171 3.05 3.92 5.11
CA THR A 171 2.67 4.12 6.48
C THR A 171 3.84 4.45 7.38
N ASN A 172 3.59 5.38 8.30
CA ASN A 172 4.65 5.83 9.24
C ASN A 172 4.13 5.75 10.68
N GLN A 173 4.83 5.04 11.56
CA GLN A 173 4.37 4.87 12.96
C GLN A 173 4.68 6.15 13.73
N VAL A 174 3.64 6.80 14.28
CA VAL A 174 3.81 8.08 15.04
C VAL A 174 4.40 9.13 14.10
N SER A 186 3.90 17.15 -3.76
CA SER A 186 3.01 16.08 -4.28
C SER A 186 2.60 15.15 -3.14
N THR A 187 3.50 14.91 -2.18
CA THR A 187 3.20 13.97 -1.07
C THR A 187 1.98 14.47 -0.28
N THR A 188 0.97 13.63 -0.12
CA THR A 188 -0.22 13.99 0.69
C THR A 188 -0.10 13.32 2.06
N ARG A 189 0.00 14.10 3.13
CA ARG A 189 0.22 13.51 4.48
C ARG A 189 -1.11 13.46 5.24
N LEU A 190 -1.48 12.28 5.73
CA LEU A 190 -2.73 12.12 6.51
C LEU A 190 -2.36 11.62 7.91
N SER A 191 -3.02 12.16 8.94
CA SER A 191 -2.74 11.72 10.33
C SER A 191 -3.91 10.87 10.83
N LEU A 192 -3.59 9.75 11.47
CA LEU A 192 -4.64 8.85 12.02
C LEU A 192 -4.65 8.96 13.55
N ARG A 193 -5.82 8.87 14.18
CA ARG A 193 -5.95 8.98 15.61
C ARG A 193 -7.07 8.10 16.09
N LYS A 194 -7.20 8.00 17.41
CA LYS A 194 -8.25 7.13 17.99
C LYS A 194 -9.42 7.98 18.50
N GLY A 195 -10.65 7.58 18.17
CA GLY A 195 -11.86 8.28 18.56
C GLY A 195 -12.49 7.93 19.89
N ARG A 196 -13.78 8.24 20.03
CA ARG A 196 -14.49 8.00 21.31
C ARG A 196 -14.39 6.53 21.68
N GLY A 197 -14.71 5.67 20.71
CA GLY A 197 -14.70 4.23 20.99
C GLY A 197 -13.79 3.52 20.05
N GLU A 198 -14.28 2.50 19.34
CA GLU A 198 -13.45 1.79 18.33
C GLU A 198 -13.51 2.58 17.01
N GLN A 199 -13.87 3.85 17.08
CA GLN A 199 -13.92 4.71 15.86
C GLN A 199 -12.54 5.33 15.65
N ARG A 200 -12.25 5.78 14.42
CA ARG A 200 -10.93 6.37 14.11
C ARG A 200 -11.15 7.75 13.47
N ILE A 201 -10.19 8.67 13.66
CA ILE A 201 -10.30 10.03 13.07
C ILE A 201 -9.10 10.25 12.15
N ILE A 202 -9.34 10.77 10.95
CA ILE A 202 -8.23 11.06 9.99
C ILE A 202 -8.34 12.53 9.56
N LYS A 203 -7.19 13.19 9.37
CA LYS A 203 -7.20 14.60 8.91
C LYS A 203 -5.92 14.88 8.13
N VAL A 204 -5.96 15.86 7.23
CA VAL A 204 -4.74 16.25 6.47
C VAL A 204 -3.85 17.08 7.40
N TYR A 205 -2.54 17.09 7.16
CA TYR A 205 -1.62 17.93 7.97
C TYR A 205 -1.81 19.39 7.56
N ASP A 206 -2.91 20.01 8.00
CA ASP A 206 -3.21 21.42 7.62
C ASP A 206 -3.99 22.08 8.76
N ALA A 213 -12.40 19.55 9.03
CA ALA A 213 -11.11 19.17 8.47
C ALA A 213 -10.69 17.78 8.91
N GLU A 214 -11.59 17.07 9.57
CA GLU A 214 -11.35 15.73 10.07
C GLU A 214 -12.53 14.86 9.70
N ALA A 215 -12.32 13.54 9.71
CA ALA A 215 -13.41 12.60 9.36
C ALA A 215 -13.34 11.38 10.28
N ILE A 216 -14.49 10.81 10.63
CA ILE A 216 -14.53 9.62 11.53
C ILE A 216 -14.82 8.37 10.70
N PHE A 217 -14.01 7.33 10.86
CA PHE A 217 -14.21 6.06 10.13
C PHE A 217 -14.08 4.90 11.11
N GLY A 218 -14.64 3.74 10.76
CA GLY A 218 -14.55 2.59 11.64
C GLY A 218 -13.81 1.42 11.03
N ILE A 219 -13.30 0.52 11.88
CA ILE A 219 -12.58 -0.68 11.37
C ILE A 219 -13.44 -1.90 11.69
N TYR A 220 -13.83 -2.66 10.66
CA TYR A 220 -14.73 -3.82 10.87
C TYR A 220 -14.17 -5.02 10.11
N ASP A 221 -14.78 -6.20 10.32
CA ASP A 221 -14.33 -7.41 9.59
C ASP A 221 -14.31 -7.11 8.09
N ASP A 222 -15.33 -6.42 7.59
CA ASP A 222 -15.40 -6.09 6.14
C ASP A 222 -14.33 -5.04 5.82
N GLY A 223 -13.72 -4.46 6.84
CA GLY A 223 -12.63 -3.48 6.62
C GLY A 223 -13.02 -2.06 6.98
N VAL A 224 -12.26 -1.08 6.53
CA VAL A 224 -12.53 0.36 6.83
C VAL A 224 -13.92 0.74 6.32
N GLY A 225 -14.63 1.56 7.08
CA GLY A 225 -15.97 2.02 6.66
C GLY A 225 -16.35 3.26 7.44
N ASP A 226 -17.63 3.65 7.39
CA ASP A 226 -18.08 4.89 8.07
C ASP A 226 -18.64 4.52 9.45
N ALA A 227 -19.31 5.47 10.12
CA ALA A 227 -19.90 5.22 11.45
C ALA A 227 -18.88 4.51 12.35
N SER B 2 13.28 -15.69 -21.27
CA SER B 2 13.96 -15.96 -19.98
C SER B 2 13.39 -15.04 -18.90
N LEU B 3 12.67 -15.62 -17.93
CA LEU B 3 12.07 -14.82 -16.83
C LEU B 3 13.00 -14.86 -15.61
N VAL B 4 12.82 -13.94 -14.67
CA VAL B 4 13.68 -13.87 -13.45
C VAL B 4 12.76 -13.95 -12.22
N PRO B 5 13.17 -14.65 -11.14
CA PRO B 5 12.36 -14.73 -9.92
C PRO B 5 12.25 -13.39 -9.19
N THR B 6 11.20 -13.21 -8.38
CA THR B 6 11.04 -11.96 -7.59
C THR B 6 10.80 -12.34 -6.12
N LEU B 7 10.86 -11.36 -5.22
CA LEU B 7 10.56 -11.64 -3.79
C LEU B 7 9.05 -11.55 -3.58
N PHE B 8 8.31 -11.21 -4.63
CA PHE B 8 6.84 -11.02 -4.49
C PHE B 8 6.10 -12.33 -4.75
N SER B 9 4.93 -12.48 -4.12
CA SER B 9 4.08 -13.69 -4.33
C SER B 9 2.62 -13.28 -4.18
N THR B 10 1.72 -13.91 -4.92
CA THR B 10 0.28 -13.58 -4.84
C THR B 10 -0.24 -13.92 -3.44
N ALA B 11 -1.31 -13.25 -3.00
CA ALA B 11 -1.92 -13.57 -1.69
C ALA B 11 -2.37 -15.03 -1.73
N SER B 12 -2.66 -15.55 -2.92
CA SER B 12 -3.07 -16.97 -3.08
C SER B 12 -1.83 -17.87 -2.88
N GLY B 13 -0.64 -17.28 -2.83
CA GLY B 13 0.59 -18.07 -2.58
C GLY B 13 1.38 -18.38 -3.83
N LYS B 14 0.97 -17.84 -4.98
CA LYS B 14 1.66 -18.15 -6.25
C LYS B 14 2.87 -17.23 -6.42
N PRO B 15 4.10 -17.78 -6.58
CA PRO B 15 5.29 -16.96 -6.76
C PRO B 15 5.19 -16.08 -8.01
N VAL B 16 5.82 -14.92 -8.00
CA VAL B 16 5.72 -13.97 -9.14
C VAL B 16 7.05 -13.92 -9.88
N THR B 17 7.01 -13.92 -11.22
CA THR B 17 8.25 -13.84 -12.04
C THR B 17 8.17 -12.65 -12.99
N VAL B 18 9.30 -12.19 -13.50
CA VAL B 18 9.32 -11.05 -14.46
C VAL B 18 10.39 -11.32 -15.53
N ARG B 19 10.13 -10.91 -16.77
CA ARG B 19 11.12 -11.11 -17.87
C ARG B 19 12.38 -10.33 -17.53
N ARG B 20 13.55 -10.91 -17.80
CA ARG B 20 14.84 -10.23 -17.47
C ARG B 20 14.86 -8.88 -18.18
N GLU B 21 14.43 -8.84 -19.44
CA GLU B 21 14.46 -7.56 -20.22
C GLU B 21 13.72 -6.48 -19.45
N SER B 22 12.60 -6.85 -18.82
CA SER B 22 11.82 -5.87 -18.01
C SER B 22 12.71 -5.35 -16.88
N LEU B 23 13.47 -6.23 -16.23
CA LEU B 23 14.41 -5.78 -15.16
C LEU B 23 15.58 -5.05 -15.83
N GLN B 24 15.70 -5.18 -17.16
CA GLN B 24 16.78 -4.49 -17.90
C GLN B 24 16.26 -3.15 -18.44
#